data_3U1L
#
_entry.id   3U1L
#
_cell.length_a   44.851
_cell.length_b   54.367
_cell.length_c   111.770
_cell.angle_alpha   90.00
_cell.angle_beta   90.00
_cell.angle_gamma   90.00
#
_symmetry.space_group_name_H-M   'P 21 21 21'
#
loop_
_entity.id
_entity.type
_entity.pdbx_description
1 polymer 'Pre-mRNA-splicing factor CWC2'
2 non-polymer 'ZINC ION'
3 water water
#
_entity_poly.entity_id   1
_entity_poly.type   'polypeptide(L)'
_entity_poly.pdbx_seq_one_letter_code
;MTSWRDKSAKVQVKESELPSSIPAQTGLTFNIWYNKWSQGFAGNTRFVSPFALQPQLHSGKTRGDNDGQLFFCLFFAKGM
CCLGPKCEYLHHIPDEEDIGKLALRTEVLDCFGREKFADYREDMGGIGSFRKKNKTLYVGGIDGALNSKHLKPAQIESRI
RFVFSRLGDIDRIRYVESKNCGFVKFKYQANAEFAKEAMSNQTLLLPSDKEWDDRREGTGLLVKWANEDPDPAAQKRLQE
;
_entity_poly.pdbx_strand_id   A
#
loop_
_chem_comp.id
_chem_comp.type
_chem_comp.name
_chem_comp.formula
ZN non-polymer 'ZINC ION' 'Zn 2'
#
# COMPACT_ATOMS: atom_id res chain seq x y z
N SER A 3 8.58 7.21 -17.52
CA SER A 3 8.83 7.67 -16.15
C SER A 3 7.66 8.47 -15.61
N TRP A 4 7.39 8.29 -14.31
CA TRP A 4 6.33 9.05 -13.65
C TRP A 4 6.59 10.55 -13.76
N ARG A 5 7.86 10.93 -13.86
CA ARG A 5 8.20 12.34 -13.98
C ARG A 5 7.67 13.00 -15.26
N ASP A 6 7.36 12.17 -16.25
CA ASP A 6 6.95 12.67 -17.55
C ASP A 6 5.45 12.64 -17.79
N LYS A 7 4.69 12.43 -16.73
CA LYS A 7 3.23 12.46 -16.85
C LYS A 7 2.56 13.03 -15.61
N SER A 8 1.27 13.32 -15.75
N SER A 8 1.28 13.34 -15.74
CA SER A 8 0.48 13.79 -14.63
CA SER A 8 0.55 13.82 -14.59
C SER A 8 -0.08 12.59 -13.90
C SER A 8 -0.11 12.64 -13.90
N ALA A 9 -0.16 12.69 -12.57
CA ALA A 9 -0.75 11.61 -11.79
C ALA A 9 -2.19 11.34 -12.20
N LYS A 10 -2.56 10.07 -12.28
CA LYS A 10 -3.92 9.74 -12.68
C LYS A 10 -4.91 9.82 -11.52
N VAL A 11 -6.12 10.27 -11.81
CA VAL A 11 -7.21 10.17 -10.85
C VAL A 11 -7.55 8.69 -10.65
N GLN A 12 -7.57 8.22 -9.41
CA GLN A 12 -7.78 6.80 -9.15
C GLN A 12 -9.25 6.41 -8.96
N VAL A 13 -10.01 7.29 -8.36
CA VAL A 13 -11.41 7.06 -8.09
C VAL A 13 -12.16 8.38 -8.16
N LYS A 14 -13.48 8.31 -8.29
CA LYS A 14 -14.31 9.50 -8.22
C LYS A 14 -14.62 9.78 -6.76
N GLU A 15 -14.71 11.04 -6.40
CA GLU A 15 -15.01 11.41 -5.02
C GLU A 15 -16.29 10.71 -4.55
N SER A 16 -17.25 10.59 -5.46
CA SER A 16 -18.56 10.02 -5.16
C SER A 16 -18.52 8.52 -4.82
N GLU A 17 -17.39 7.86 -5.05
CA GLU A 17 -17.25 6.46 -4.70
C GLU A 17 -16.88 6.27 -3.23
N LEU A 18 -16.43 7.35 -2.60
CA LEU A 18 -15.97 7.27 -1.21
C LEU A 18 -17.04 7.74 -0.24
N PRO A 19 -16.95 7.27 1.01
CA PRO A 19 -17.91 7.68 2.02
C PRO A 19 -17.73 9.15 2.37
N SER A 20 -18.80 9.77 2.86
CA SER A 20 -18.79 11.18 3.17
C SER A 20 -17.85 11.52 4.33
N SER A 21 -17.61 12.81 4.52
CA SER A 21 -16.73 13.27 5.57
C SER A 21 -15.31 12.77 5.35
N ILE A 22 -14.85 12.87 4.11
CA ILE A 22 -13.50 12.45 3.78
C ILE A 22 -12.52 13.23 4.63
N PRO A 23 -11.67 12.51 5.36
CA PRO A 23 -10.77 13.13 6.32
C PRO A 23 -9.41 13.44 5.72
N ALA A 24 -8.67 14.33 6.37
CA ALA A 24 -7.28 14.56 6.00
C ALA A 24 -6.49 13.33 6.41
N GLN A 25 -5.48 12.96 5.63
CA GLN A 25 -4.72 11.75 5.94
C GLN A 25 -4.02 11.83 7.30
N THR A 26 -3.63 13.02 7.72
CA THR A 26 -2.98 13.18 9.02
C THR A 26 -3.95 13.71 10.07
N GLY A 27 -5.22 13.78 9.70
CA GLY A 27 -6.25 14.39 10.54
C GLY A 27 -6.75 13.55 11.69
N LEU A 28 -7.49 14.18 12.58
CA LEU A 28 -7.98 13.54 13.79
C LEU A 28 -8.88 12.33 13.55
N THR A 29 -9.67 12.38 12.49
CA THR A 29 -10.70 11.38 12.29
C THR A 29 -10.40 10.32 11.23
N PHE A 30 -9.19 10.32 10.69
CA PHE A 30 -8.92 9.38 9.61
C PHE A 30 -9.24 7.94 10.00
N ASN A 31 -8.78 7.51 11.16
CA ASN A 31 -9.01 6.11 11.52
C ASN A 31 -10.47 5.77 11.82
N ILE A 32 -11.21 6.70 12.42
CA ILE A 32 -12.63 6.50 12.63
C ILE A 32 -13.30 6.29 11.27
N TRP A 33 -12.96 7.15 10.32
CA TRP A 33 -13.56 7.11 8.98
C TRP A 33 -13.18 5.83 8.23
N TYR A 34 -11.90 5.47 8.30
CA TYR A 34 -11.44 4.31 7.54
C TYR A 34 -11.96 3.01 8.14
N ASN A 35 -12.02 2.95 9.47
CA ASN A 35 -12.54 1.76 10.13
C ASN A 35 -14.02 1.57 9.81
N LYS A 36 -14.76 2.66 9.76
CA LYS A 36 -16.17 2.62 9.40
C LYS A 36 -16.31 2.10 7.96
N TRP A 37 -15.45 2.58 7.09
CA TRP A 37 -15.43 2.15 5.69
C TRP A 37 -15.22 0.63 5.61
N SER A 38 -14.18 0.15 6.28
CA SER A 38 -13.87 -1.26 6.32
CA SER A 38 -13.89 -1.26 6.28
C SER A 38 -15.05 -2.07 6.83
N GLN A 39 -15.65 -1.62 7.94
CA GLN A 39 -16.72 -2.37 8.58
C GLN A 39 -17.99 -2.46 7.74
N GLY A 40 -18.12 -1.56 6.77
CA GLY A 40 -19.26 -1.60 5.87
C GLY A 40 -19.26 -2.77 4.90
N PHE A 41 -18.10 -3.40 4.73
CA PHE A 41 -17.99 -4.53 3.81
C PHE A 41 -18.43 -5.83 4.45
N ALA A 42 -18.96 -6.75 3.65
CA ALA A 42 -19.42 -8.03 4.19
C ALA A 42 -18.27 -8.89 4.67
N GLY A 43 -18.60 -9.94 5.41
CA GLY A 43 -17.62 -10.90 5.87
C GLY A 43 -17.18 -10.64 7.29
N ASN A 44 -16.70 -11.67 7.97
CA ASN A 44 -16.16 -11.51 9.31
C ASN A 44 -14.65 -11.29 9.23
N THR A 45 -14.06 -11.78 8.16
CA THR A 45 -12.62 -11.64 7.95
C THR A 45 -12.30 -10.30 7.29
N ARG A 46 -11.01 -9.98 7.23
CA ARG A 46 -10.55 -8.71 6.66
C ARG A 46 -11.12 -8.52 5.27
N PHE A 47 -11.69 -7.35 5.01
CA PHE A 47 -12.26 -7.07 3.69
C PHE A 47 -11.17 -7.06 2.62
N VAL A 48 -11.60 -7.30 1.39
CA VAL A 48 -10.73 -7.15 0.24
C VAL A 48 -11.04 -5.78 -0.34
N SER A 49 -10.07 -4.89 -0.29
CA SER A 49 -10.31 -3.53 -0.77
C SER A 49 -10.72 -3.53 -2.24
N PRO A 50 -11.74 -2.73 -2.60
CA PRO A 50 -12.13 -2.60 -4.00
C PRO A 50 -11.21 -1.65 -4.78
N PHE A 51 -10.25 -1.04 -4.08
CA PHE A 51 -9.33 -0.09 -4.71
C PHE A 51 -7.91 -0.59 -4.58
N ALA A 52 -7.06 -0.22 -5.53
CA ALA A 52 -5.67 -0.65 -5.49
C ALA A 52 -4.77 0.25 -6.28
N LEU A 53 -3.62 0.56 -5.69
CA LEU A 53 -2.58 1.28 -6.39
C LEU A 53 -1.98 0.42 -7.51
N GLN A 54 -1.88 1.01 -8.69
CA GLN A 54 -1.18 0.41 -9.82
C GLN A 54 -0.03 1.36 -10.12
N PRO A 55 1.17 1.07 -9.59
CA PRO A 55 2.22 2.09 -9.59
C PRO A 55 2.57 2.64 -10.96
N GLN A 56 2.80 1.78 -11.94
CA GLN A 56 3.15 2.26 -13.26
C GLN A 56 2.05 3.13 -13.86
N LEU A 57 0.81 2.67 -13.76
CA LEU A 57 -0.32 3.37 -14.34
C LEU A 57 -0.64 4.68 -13.64
N HIS A 58 -0.58 4.65 -12.31
CA HIS A 58 -1.09 5.76 -11.50
C HIS A 58 -0.08 6.87 -11.16
N SER A 59 1.19 6.52 -11.08
CA SER A 59 2.21 7.46 -10.61
C SER A 59 2.43 8.58 -11.61
N GLY A 60 2.65 9.78 -11.11
CA GLY A 60 2.85 10.94 -11.96
C GLY A 60 3.05 12.19 -11.13
N LYS A 61 3.23 13.31 -11.80
CA LYS A 61 3.44 14.58 -11.12
C LYS A 61 2.14 15.09 -10.52
N THR A 62 2.25 15.69 -9.35
CA THR A 62 1.13 16.40 -8.73
C THR A 62 1.58 17.80 -8.38
N ARG A 63 0.67 18.61 -7.89
CA ARG A 63 1.04 19.94 -7.46
C ARG A 63 2.05 19.86 -6.34
N GLY A 64 1.97 18.81 -5.54
CA GLY A 64 2.94 18.61 -4.47
C GLY A 64 4.38 18.58 -4.96
N ASP A 65 4.61 17.96 -6.12
CA ASP A 65 5.97 17.90 -6.67
C ASP A 65 6.52 19.28 -6.98
N ASN A 66 5.61 20.20 -7.26
CA ASN A 66 6.01 21.56 -7.62
C ASN A 66 5.90 22.56 -6.48
N ASP A 67 5.34 22.13 -5.36
CA ASP A 67 5.09 23.03 -4.24
C ASP A 67 5.96 22.71 -3.03
N GLY A 68 7.00 21.92 -3.24
CA GLY A 68 7.96 21.60 -2.18
C GLY A 68 7.52 20.54 -1.19
N GLN A 69 6.49 19.77 -1.55
CA GLN A 69 5.99 18.71 -0.71
C GLN A 69 6.98 17.56 -0.58
N LEU A 70 7.14 17.05 0.63
CA LEU A 70 8.05 15.95 0.88
C LEU A 70 7.31 14.66 1.21
N PHE A 71 6.04 14.79 1.58
CA PHE A 71 5.26 13.65 2.03
C PHE A 71 4.37 13.05 0.95
N PHE A 72 4.10 11.76 1.10
CA PHE A 72 3.36 11.02 0.09
C PHE A 72 1.89 10.90 0.41
N CYS A 73 1.09 10.70 -0.61
CA CYS A 73 -0.35 10.62 -0.44
C CYS A 73 -0.77 9.24 0.01
N LEU A 74 -1.43 9.19 1.16
CA LEU A 74 -1.96 7.95 1.72
C LEU A 74 -3.11 7.39 0.89
N PHE A 75 -3.97 8.27 0.40
CA PHE A 75 -5.06 7.81 -0.45
C PHE A 75 -4.47 7.19 -1.72
N PHE A 76 -3.45 7.82 -2.28
CA PHE A 76 -2.77 7.26 -3.46
C PHE A 76 -2.24 5.85 -3.21
N ALA A 77 -1.62 5.65 -2.04
CA ALA A 77 -1.01 4.38 -1.72
C ALA A 77 -2.09 3.31 -1.70
N LYS A 78 -3.30 3.71 -1.31
CA LYS A 78 -4.40 2.77 -1.18
C LYS A 78 -5.29 2.71 -2.42
N GLY A 79 -4.88 3.40 -3.49
CA GLY A 79 -5.66 3.42 -4.72
C GLY A 79 -6.94 4.24 -4.67
N MET A 80 -7.05 5.14 -3.71
CA MET A 80 -8.29 5.88 -3.55
C MET A 80 -8.15 7.41 -3.48
N CYS A 81 -7.18 7.97 -4.18
CA CYS A 81 -7.11 9.44 -4.25
C CYS A 81 -7.91 9.94 -5.44
N CYS A 82 -8.84 10.86 -5.18
CA CYS A 82 -9.71 11.37 -6.23
C CYS A 82 -9.18 12.67 -6.86
N LEU A 83 -7.99 13.10 -6.42
CA LEU A 83 -7.45 14.40 -6.86
C LEU A 83 -6.52 14.34 -8.08
N GLY A 84 -5.85 13.21 -8.27
CA GLY A 84 -4.88 13.13 -9.35
C GLY A 84 -3.86 14.25 -9.32
N PRO A 85 -3.71 14.98 -10.43
CA PRO A 85 -2.64 15.98 -10.45
C PRO A 85 -2.91 17.16 -9.53
N LYS A 86 -4.14 17.27 -9.02
CA LYS A 86 -4.47 18.36 -8.10
C LYS A 86 -3.96 18.07 -6.70
N CYS A 87 -3.53 16.84 -6.46
CA CYS A 87 -3.13 16.48 -5.10
C CYS A 87 -1.92 17.28 -4.62
N GLU A 88 -1.97 17.72 -3.36
CA GLU A 88 -0.85 18.42 -2.78
C GLU A 88 0.16 17.49 -2.11
N TYR A 89 -0.14 16.19 -2.09
CA TYR A 89 0.83 15.20 -1.63
C TYR A 89 1.42 14.51 -2.87
N LEU A 90 2.49 13.75 -2.66
CA LEU A 90 3.19 13.09 -3.76
C LEU A 90 2.52 11.80 -4.23
N HIS A 91 2.46 11.60 -5.55
CA HIS A 91 1.91 10.39 -6.16
C HIS A 91 2.96 9.60 -6.94
N HIS A 92 3.98 9.12 -6.24
CA HIS A 92 4.92 8.17 -6.84
C HIS A 92 5.52 7.31 -5.74
N ILE A 93 6.30 6.30 -6.13
CA ILE A 93 6.90 5.42 -5.15
C ILE A 93 8.15 6.10 -4.58
N PRO A 94 8.26 6.18 -3.25
CA PRO A 94 9.41 6.86 -2.65
C PRO A 94 10.74 6.33 -3.19
N ASP A 95 11.63 7.25 -3.54
CA ASP A 95 12.94 6.89 -4.07
C ASP A 95 14.05 7.48 -3.20
N GLU A 96 15.30 7.14 -3.47
CA GLU A 96 16.41 7.58 -2.63
C GLU A 96 16.44 9.08 -2.37
N GLU A 97 16.14 9.86 -3.41
CA GLU A 97 16.15 11.31 -3.32
C GLU A 97 15.10 11.82 -2.36
N ASP A 98 13.88 11.29 -2.49
CA ASP A 98 12.77 11.66 -1.61
C ASP A 98 13.13 11.35 -0.16
N ILE A 99 13.72 10.19 0.04
CA ILE A 99 14.03 9.71 1.38
C ILE A 99 15.10 10.57 2.04
N GLY A 100 16.07 11.00 1.24
CA GLY A 100 17.11 11.89 1.73
C GLY A 100 16.52 13.20 2.22
N LYS A 101 15.61 13.77 1.43
CA LYS A 101 14.96 15.00 1.81
C LYS A 101 14.14 14.81 3.07
N LEU A 102 13.43 13.69 3.18
CA LEU A 102 12.64 13.41 4.37
C LEU A 102 13.53 13.30 5.59
N ALA A 103 14.71 12.71 5.42
CA ALA A 103 15.65 12.55 6.53
C ALA A 103 16.04 13.88 7.15
N LEU A 104 16.18 14.91 6.31
CA LEU A 104 16.55 16.22 6.80
C LEU A 104 15.37 16.89 7.49
N ARG A 105 14.16 16.54 7.07
CA ARG A 105 12.95 17.19 7.54
C ARG A 105 12.44 16.62 8.87
N THR A 106 12.56 15.31 9.06
CA THR A 106 11.97 14.70 10.23
C THR A 106 12.57 13.35 10.58
N GLU A 107 12.47 12.99 11.85
CA GLU A 107 12.75 11.62 12.26
C GLU A 107 11.59 11.05 13.08
N VAL A 108 10.53 11.81 13.27
CA VAL A 108 9.38 11.30 14.01
C VAL A 108 8.16 11.02 13.15
N LEU A 109 8.17 11.49 11.90
CA LEU A 109 7.03 11.28 11.02
C LEU A 109 7.33 10.23 9.95
N ASP A 110 6.31 9.48 9.54
CA ASP A 110 6.46 8.52 8.46
C ASP A 110 6.34 9.21 7.10
N CYS A 111 6.41 8.44 6.04
CA CYS A 111 6.42 9.01 4.69
C CYS A 111 5.12 9.70 4.33
N PHE A 112 4.09 9.51 5.15
CA PHE A 112 2.79 10.14 4.91
C PHE A 112 2.55 11.35 5.79
N GLY A 113 3.52 11.65 6.65
CA GLY A 113 3.41 12.79 7.54
C GLY A 113 2.74 12.48 8.87
N ARG A 114 2.58 11.19 9.16
CA ARG A 114 1.97 10.76 10.41
C ARG A 114 3.03 10.36 11.41
N GLU A 115 2.66 10.26 12.69
CA GLU A 115 3.63 9.81 13.68
C GLU A 115 4.08 8.40 13.36
N LYS A 116 5.37 8.16 13.43
CA LYS A 116 5.93 6.84 13.14
C LYS A 116 5.43 5.80 14.13
N PHE A 117 5.17 4.59 13.63
CA PHE A 117 4.67 3.49 14.44
C PHE A 117 5.50 3.21 15.67
N ALA A 118 6.82 3.30 15.50
CA ALA A 118 7.75 2.97 16.58
C ALA A 118 7.63 3.90 17.79
N ASP A 119 7.03 5.06 17.60
CA ASP A 119 7.00 6.06 18.66
C ASP A 119 5.76 5.98 19.56
N TYR A 120 4.82 5.09 19.24
CA TYR A 120 3.67 4.89 20.12
C TYR A 120 3.36 3.42 20.31
N ARG A 121 4.30 2.57 19.91
CA ARG A 121 4.15 1.13 20.03
C ARG A 121 4.07 0.50 18.65
N ARG A 131 16.77 1.63 18.30
CA ARG A 131 17.43 2.44 17.28
C ARG A 131 17.28 1.84 15.89
N LYS A 132 17.06 0.53 15.84
CA LYS A 132 16.92 -0.18 14.58
C LYS A 132 15.66 0.23 13.82
N LYS A 133 15.84 0.88 12.68
CA LYS A 133 14.73 1.16 11.79
C LYS A 133 14.16 -0.15 11.33
N ASN A 134 12.89 -0.41 11.59
CA ASN A 134 12.26 -1.62 11.09
C ASN A 134 11.88 -1.43 9.62
N LYS A 135 12.37 -2.34 8.77
CA LYS A 135 12.11 -2.27 7.35
C LYS A 135 11.48 -3.56 6.84
N THR A 136 11.03 -4.40 7.77
CA THR A 136 10.49 -5.70 7.42
C THR A 136 9.01 -5.81 7.73
N LEU A 137 8.25 -6.29 6.75
CA LEU A 137 6.82 -6.48 6.90
C LEU A 137 6.48 -7.95 6.98
N TYR A 138 5.56 -8.29 7.88
CA TYR A 138 4.95 -9.60 7.94
C TYR A 138 3.72 -9.57 7.05
N VAL A 139 3.62 -10.54 6.15
CA VAL A 139 2.48 -10.66 5.26
C VAL A 139 1.73 -11.96 5.57
N GLY A 140 0.52 -11.83 6.10
CA GLY A 140 -0.25 -13.01 6.48
C GLY A 140 -1.53 -13.17 5.69
N GLY A 141 -2.16 -14.34 5.83
CA GLY A 141 -3.41 -14.61 5.16
C GLY A 141 -3.27 -14.78 3.67
N ILE A 142 -2.12 -15.30 3.24
CA ILE A 142 -1.82 -15.44 1.83
C ILE A 142 -2.83 -16.32 1.08
N ASP A 143 -3.13 -17.49 1.63
CA ASP A 143 -4.09 -18.38 1.01
C ASP A 143 -5.44 -17.70 0.82
N GLY A 144 -5.88 -16.98 1.84
CA GLY A 144 -7.16 -16.29 1.78
C GLY A 144 -7.22 -15.19 0.74
N ALA A 145 -6.09 -14.53 0.50
CA ALA A 145 -6.01 -13.46 -0.48
C ALA A 145 -5.93 -14.01 -1.88
N LEU A 146 -5.85 -15.34 -2.00
CA LEU A 146 -5.85 -16.01 -3.28
C LEU A 146 -7.13 -16.82 -3.45
N ASN A 147 -8.10 -16.58 -2.58
CA ASN A 147 -9.34 -17.33 -2.61
C ASN A 147 -9.06 -18.84 -2.56
N SER A 148 -8.02 -19.22 -1.83
CA SER A 148 -7.65 -20.63 -1.68
C SER A 148 -7.29 -21.32 -2.99
N LYS A 149 -6.95 -20.52 -4.01
CA LYS A 149 -6.49 -21.04 -5.29
C LYS A 149 -5.33 -22.00 -5.05
N HIS A 150 -5.29 -23.09 -5.81
CA HIS A 150 -4.21 -24.05 -5.67
C HIS A 150 -2.96 -23.60 -6.42
N LEU A 151 -2.13 -22.83 -5.74
CA LEU A 151 -0.85 -22.44 -6.31
C LEU A 151 0.25 -23.12 -5.51
N LYS A 152 1.38 -23.35 -6.16
CA LYS A 152 2.54 -23.90 -5.48
C LYS A 152 3.42 -22.77 -4.98
N PRO A 153 4.36 -23.08 -4.09
CA PRO A 153 5.21 -22.05 -3.50
C PRO A 153 5.93 -21.16 -4.52
N ALA A 154 6.43 -21.73 -5.61
CA ALA A 154 7.13 -20.93 -6.61
C ALA A 154 6.22 -19.85 -7.18
N GLN A 155 4.95 -20.19 -7.37
CA GLN A 155 3.99 -19.26 -7.94
C GLN A 155 3.57 -18.21 -6.93
N ILE A 156 3.38 -18.63 -5.68
CA ILE A 156 3.00 -17.72 -4.63
C ILE A 156 4.10 -16.71 -4.37
N GLU A 157 5.33 -17.21 -4.29
N GLU A 157 5.33 -17.21 -4.29
CA GLU A 157 6.48 -16.33 -4.10
CA GLU A 157 6.48 -16.33 -4.10
C GLU A 157 6.57 -15.30 -5.21
C GLU A 157 6.57 -15.30 -5.21
N SER A 158 6.33 -15.73 -6.45
CA SER A 158 6.42 -14.79 -7.58
C SER A 158 5.41 -13.67 -7.42
N ARG A 159 4.22 -13.99 -6.93
CA ARG A 159 3.18 -12.97 -6.79
C ARG A 159 3.51 -11.98 -5.69
N ILE A 160 3.97 -12.49 -4.55
CA ILE A 160 4.37 -11.61 -3.45
C ILE A 160 5.51 -10.70 -3.88
N ARG A 161 6.50 -11.27 -4.56
CA ARG A 161 7.64 -10.50 -5.03
C ARG A 161 7.22 -9.41 -6.01
N PHE A 162 6.35 -9.77 -6.94
N PHE A 162 6.34 -9.76 -6.93
CA PHE A 162 5.88 -8.83 -7.96
CA PHE A 162 5.92 -8.80 -7.94
C PHE A 162 5.20 -7.62 -7.33
C PHE A 162 5.17 -7.61 -7.34
N VAL A 163 4.20 -7.85 -6.47
CA VAL A 163 3.42 -6.73 -5.94
C VAL A 163 4.22 -5.86 -4.97
N PHE A 164 5.10 -6.47 -4.20
CA PHE A 164 5.90 -5.69 -3.28
C PHE A 164 7.09 -4.99 -3.93
N SER A 165 7.70 -5.63 -4.93
CA SER A 165 8.88 -5.04 -5.56
CA SER A 165 8.88 -5.04 -5.57
CA SER A 165 8.88 -5.04 -5.57
C SER A 165 8.53 -3.78 -6.35
N ARG A 166 7.27 -3.63 -6.74
CA ARG A 166 6.88 -2.42 -7.44
C ARG A 166 6.65 -1.26 -6.47
N LEU A 167 6.84 -1.53 -5.19
CA LEU A 167 6.67 -0.51 -4.15
C LEU A 167 7.98 -0.04 -3.54
N GLY A 168 9.10 -0.55 -4.05
CA GLY A 168 10.39 -0.11 -3.54
C GLY A 168 11.48 -1.14 -3.72
N ASP A 169 12.73 -0.71 -3.55
CA ASP A 169 13.88 -1.61 -3.64
C ASP A 169 13.78 -2.67 -2.56
N ILE A 170 13.84 -3.94 -2.96
CA ILE A 170 13.69 -5.06 -2.05
C ILE A 170 15.04 -5.59 -1.57
N ASP A 171 15.19 -5.75 -0.26
CA ASP A 171 16.40 -6.33 0.31
C ASP A 171 16.30 -7.85 0.23
N ARG A 172 15.24 -8.39 0.80
CA ARG A 172 14.96 -9.82 0.69
C ARG A 172 13.50 -10.17 0.93
N ILE A 173 13.01 -11.17 0.20
CA ILE A 173 11.65 -11.67 0.37
C ILE A 173 11.67 -13.16 0.67
N ARG A 174 10.80 -13.60 1.56
CA ARG A 174 10.69 -15.00 1.94
C ARG A 174 9.23 -15.39 2.01
N TYR A 175 8.86 -16.47 1.33
CA TYR A 175 7.54 -17.06 1.53
C TYR A 175 7.71 -18.30 2.38
N VAL A 176 6.89 -18.42 3.42
CA VAL A 176 7.01 -19.53 4.36
C VAL A 176 5.73 -20.36 4.30
N GLU A 177 5.76 -21.41 3.49
CA GLU A 177 4.58 -22.20 3.23
C GLU A 177 3.89 -22.71 4.49
N SER A 178 4.68 -23.25 5.42
CA SER A 178 4.13 -23.86 6.62
C SER A 178 3.39 -22.87 7.50
N LYS A 179 3.65 -21.58 7.31
CA LYS A 179 3.02 -20.54 8.12
C LYS A 179 2.06 -19.65 7.34
N ASN A 180 1.85 -19.98 6.07
CA ASN A 180 0.90 -19.22 5.26
C ASN A 180 1.22 -17.73 5.32
N CYS A 181 2.51 -17.39 5.30
CA CYS A 181 2.93 -16.00 5.43
C CYS A 181 4.18 -15.69 4.62
N GLY A 182 4.51 -14.41 4.52
CA GLY A 182 5.73 -14.01 3.87
C GLY A 182 6.39 -12.94 4.70
N PHE A 183 7.67 -12.70 4.43
CA PHE A 183 8.40 -11.62 5.07
C PHE A 183 9.06 -10.81 3.98
N VAL A 184 8.75 -9.51 3.97
CA VAL A 184 9.29 -8.63 2.95
C VAL A 184 10.14 -7.55 3.60
N LYS A 185 11.44 -7.60 3.38
CA LYS A 185 12.34 -6.60 3.92
C LYS A 185 12.78 -5.64 2.83
N PHE A 186 12.49 -4.35 3.02
CA PHE A 186 12.84 -3.34 2.05
C PHE A 186 14.21 -2.76 2.35
N LYS A 187 14.84 -2.19 1.33
CA LYS A 187 16.10 -1.47 1.53
C LYS A 187 15.89 -0.24 2.41
N TYR A 188 14.76 0.46 2.23
CA TYR A 188 14.48 1.70 2.96
C TYR A 188 13.19 1.61 3.80
N GLN A 189 13.24 2.16 5.00
CA GLN A 189 12.07 2.20 5.86
C GLN A 189 10.86 2.88 5.17
N ALA A 190 11.12 3.96 4.45
CA ALA A 190 10.03 4.68 3.77
C ALA A 190 9.22 3.78 2.85
N ASN A 191 9.89 2.88 2.14
CA ASN A 191 9.17 1.98 1.26
C ASN A 191 8.36 0.93 2.03
N ALA A 192 8.88 0.47 3.16
CA ALA A 192 8.14 -0.44 4.01
C ALA A 192 6.87 0.25 4.55
N GLU A 193 7.01 1.50 5.00
CA GLU A 193 5.87 2.29 5.47
C GLU A 193 4.82 2.42 4.36
N PHE A 194 5.30 2.74 3.17
CA PHE A 194 4.42 2.94 2.02
C PHE A 194 3.74 1.63 1.64
N ALA A 195 4.53 0.57 1.55
CA ALA A 195 4.02 -0.72 1.11
C ALA A 195 3.01 -1.32 2.08
N LYS A 196 3.20 -1.07 3.37
CA LYS A 196 2.26 -1.56 4.37
C LYS A 196 0.87 -0.98 4.10
N GLU A 197 0.79 0.31 3.81
CA GLU A 197 -0.51 0.90 3.52
C GLU A 197 -1.06 0.46 2.18
N ALA A 198 -0.20 0.33 1.18
CA ALA A 198 -0.63 -0.07 -0.16
C ALA A 198 -1.20 -1.50 -0.17
N MET A 199 -0.55 -2.41 0.53
CA MET A 199 -0.89 -3.83 0.39
C MET A 199 -1.90 -4.35 1.41
N SER A 200 -2.14 -3.61 2.48
CA SER A 200 -3.13 -4.03 3.46
C SER A 200 -4.48 -4.25 2.78
N ASN A 201 -5.12 -5.38 3.09
CA ASN A 201 -6.44 -5.70 2.59
C ASN A 201 -6.52 -5.90 1.08
N GLN A 202 -5.39 -6.17 0.46
CA GLN A 202 -5.37 -6.37 -0.98
C GLN A 202 -5.55 -7.84 -1.34
N THR A 203 -6.07 -8.09 -2.54
CA THR A 203 -6.06 -9.45 -3.11
C THR A 203 -4.68 -9.75 -3.67
N LEU A 204 -4.39 -11.04 -3.82
CA LEU A 204 -3.17 -11.47 -4.49
C LEU A 204 -3.54 -12.13 -5.82
N LEU A 205 -4.82 -12.09 -6.15
CA LEU A 205 -5.28 -12.62 -7.42
C LEU A 205 -4.90 -11.67 -8.56
N LEU A 206 -4.84 -12.22 -9.76
CA LEU A 206 -4.50 -11.45 -10.94
C LEU A 206 -5.64 -11.52 -11.96
N PRO A 207 -5.71 -10.52 -12.83
CA PRO A 207 -6.77 -10.45 -13.84
C PRO A 207 -6.85 -11.72 -14.70
N SER A 208 -5.75 -12.44 -14.81
CA SER A 208 -5.72 -13.66 -15.61
C SER A 208 -6.29 -14.88 -14.88
N ASP A 209 -6.47 -14.77 -13.56
CA ASP A 209 -6.98 -15.89 -12.78
C ASP A 209 -8.47 -16.12 -13.08
N LYS A 210 -8.86 -17.38 -13.16
CA LYS A 210 -10.27 -17.73 -13.30
C LYS A 210 -11.08 -17.11 -12.16
N GLU A 211 -10.42 -16.86 -11.03
CA GLU A 211 -11.09 -16.37 -9.83
C GLU A 211 -11.18 -14.84 -9.73
N TRP A 212 -10.56 -14.14 -10.67
CA TRP A 212 -10.45 -12.68 -10.61
C TRP A 212 -11.78 -11.96 -10.35
N ASP A 213 -12.82 -12.35 -11.08
CA ASP A 213 -14.12 -11.70 -10.93
C ASP A 213 -14.68 -11.85 -9.53
N ASP A 214 -14.25 -12.90 -8.83
CA ASP A 214 -14.74 -13.18 -7.48
C ASP A 214 -13.74 -12.82 -6.39
N ARG A 215 -12.78 -11.97 -6.73
CA ARG A 215 -11.73 -11.60 -5.79
C ARG A 215 -12.25 -11.00 -4.49
N ARG A 216 -13.39 -10.33 -4.56
CA ARG A 216 -13.92 -9.69 -3.33
CA ARG A 216 -13.98 -9.70 -3.38
C ARG A 216 -14.42 -10.69 -2.32
N GLU A 217 -14.54 -11.96 -2.70
CA GLU A 217 -14.98 -13.01 -1.78
C GLU A 217 -13.85 -13.62 -0.97
N GLY A 218 -12.63 -13.18 -1.25
CA GLY A 218 -11.48 -13.63 -0.48
C GLY A 218 -11.39 -12.89 0.85
N THR A 219 -10.22 -12.95 1.44
CA THR A 219 -9.92 -12.16 2.62
C THR A 219 -8.67 -11.36 2.31
N GLY A 220 -8.72 -10.06 2.57
CA GLY A 220 -7.60 -9.20 2.24
C GLY A 220 -6.34 -9.56 2.99
N LEU A 221 -5.20 -9.24 2.39
CA LEU A 221 -3.91 -9.49 3.00
C LEU A 221 -3.79 -8.81 4.35
N LEU A 222 -3.16 -9.52 5.29
CA LEU A 222 -2.77 -8.91 6.55
C LEU A 222 -1.33 -8.47 6.41
N VAL A 223 -1.07 -7.19 6.59
CA VAL A 223 0.28 -6.66 6.50
C VAL A 223 0.62 -5.88 7.75
N LYS A 224 1.64 -6.32 8.46
CA LYS A 224 2.03 -5.71 9.73
C LYS A 224 3.53 -5.54 9.79
N TRP A 225 4.00 -4.72 10.72
CA TRP A 225 5.42 -4.66 10.99
C TRP A 225 5.85 -5.99 11.57
N ALA A 226 6.94 -6.54 11.07
CA ALA A 226 7.43 -7.84 11.54
C ALA A 226 8.13 -7.69 12.88
N ASN A 227 8.23 -8.79 13.62
CA ASN A 227 8.90 -8.75 14.93
C ASN A 227 10.42 -8.73 14.82
ZN ZN B . -3.41 12.22 -3.53
#